data_1C2R
#
_entry.id   1C2R
#
_cell.length_a   100.030
_cell.length_b   100.030
_cell.length_c   162.100
_cell.angle_alpha   90.00
_cell.angle_beta   90.00
_cell.angle_gamma   120.00
#
_symmetry.space_group_name_H-M   'H 3 2'
#
loop_
_entity.id
_entity.type
_entity.pdbx_description
1 polymer 'CYTOCHROME C2'
2 non-polymer 'HEME C'
3 water water
#
_entity_poly.entity_id   1
_entity_poly.type   'polypeptide(L)'
_entity_poly.pdbx_seq_one_letter_code
;GDAAKGEKEFNKCKTCHSIIAPDGTEIVKGAKTGPNLYGVVGRTAGTYPEFKYKDSIVALGASGFAWTEEDIATYVKDPG
AFLKEKLDDKKAKTGMAFKLAKGGEDVAAYLASVVK
;
_entity_poly.pdbx_strand_id   A,B
#
loop_
_chem_comp.id
_chem_comp.type
_chem_comp.name
_chem_comp.formula
HEC non-polymer 'HEME C' 'C34 H34 Fe N4 O4'
#
# COMPACT_ATOMS: atom_id res chain seq x y z
N GLY A 1 26.10 -10.00 -8.13
CA GLY A 1 25.77 -9.70 -9.52
C GLY A 1 26.53 -8.48 -10.07
N ASP A 2 26.49 -8.23 -11.41
CA ASP A 2 27.22 -7.09 -12.05
C ASP A 2 26.34 -5.89 -12.43
N ALA A 3 26.60 -4.78 -11.76
CA ALA A 3 25.88 -3.53 -11.96
C ALA A 3 26.18 -2.82 -13.27
N ALA A 4 27.41 -2.96 -13.73
CA ALA A 4 27.83 -2.33 -14.95
C ALA A 4 27.06 -2.89 -16.13
N LYS A 5 26.86 -4.20 -16.03
CA LYS A 5 26.14 -4.97 -16.99
C LYS A 5 24.62 -4.77 -16.89
N GLY A 6 24.22 -4.60 -15.62
CA GLY A 6 22.84 -4.36 -15.23
C GLY A 6 22.35 -3.05 -15.82
N GLU A 7 23.16 -2.04 -15.79
CA GLU A 7 22.75 -0.78 -16.34
C GLU A 7 22.40 -0.85 -17.83
N LYS A 8 23.17 -1.67 -18.53
CA LYS A 8 23.12 -1.89 -19.96
C LYS A 8 21.91 -2.66 -20.43
N GLU A 9 21.54 -3.59 -19.51
CA GLU A 9 20.45 -4.57 -19.52
C GLU A 9 19.10 -3.90 -19.17
N PHE A 10 19.19 -2.76 -18.45
CA PHE A 10 18.03 -1.98 -18.03
C PHE A 10 17.25 -1.50 -19.25
N ASN A 11 17.87 -1.77 -20.40
CA ASN A 11 17.29 -1.42 -21.68
C ASN A 11 15.95 -2.10 -21.92
N LYS A 12 15.72 -3.25 -21.29
CA LYS A 12 14.48 -3.98 -21.43
C LYS A 12 13.44 -3.42 -20.46
N CYS A 13 13.90 -2.62 -19.51
CA CYS A 13 12.97 -2.08 -18.54
C CYS A 13 12.52 -0.67 -18.76
N LYS A 14 13.38 0.12 -19.34
CA LYS A 14 13.06 1.51 -19.55
C LYS A 14 11.82 1.80 -20.35
N THR A 15 11.37 0.83 -21.06
CA THR A 15 10.19 0.90 -21.88
C THR A 15 8.97 1.15 -21.01
N CYS A 16 9.04 0.73 -19.75
CA CYS A 16 7.91 0.90 -18.86
C CYS A 16 8.21 1.59 -17.55
N HIS A 17 9.44 1.48 -17.10
CA HIS A 17 9.85 2.06 -15.84
C HIS A 17 10.89 3.16 -16.02
N SER A 18 11.07 3.97 -14.97
CA SER A 18 12.04 5.06 -14.92
C SER A 18 12.80 5.00 -13.58
N ILE A 19 13.95 5.67 -13.44
CA ILE A 19 14.70 5.68 -12.17
C ILE A 19 14.84 7.14 -11.83
N ILE A 20 14.03 7.57 -10.88
CA ILE A 20 13.98 8.94 -10.47
C ILE A 20 14.18 9.11 -8.99
N ALA A 21 15.18 9.91 -8.65
CA ALA A 21 15.52 10.18 -7.27
C ALA A 21 14.54 11.15 -6.63
N PRO A 22 14.49 11.12 -5.29
CA PRO A 22 13.58 11.99 -4.55
C PRO A 22 13.60 13.50 -4.81
N ASP A 23 14.72 14.03 -5.25
CA ASP A 23 14.76 15.44 -5.52
C ASP A 23 14.40 15.67 -6.97
N GLY A 24 13.96 14.61 -7.67
CA GLY A 24 13.58 14.72 -9.07
C GLY A 24 14.64 14.39 -10.10
N THR A 25 15.84 14.16 -9.68
CA THR A 25 16.86 13.84 -10.64
C THR A 25 16.51 12.60 -11.46
N GLU A 26 16.64 12.67 -12.79
CA GLU A 26 16.34 11.55 -13.68
C GLU A 26 17.51 10.64 -13.95
N ILE A 27 17.63 9.62 -13.16
CA ILE A 27 18.72 8.72 -13.35
C ILE A 27 18.52 7.94 -14.65
N VAL A 28 17.30 7.49 -14.86
CA VAL A 28 16.91 6.78 -16.06
C VAL A 28 15.58 7.37 -16.35
N LYS A 29 15.49 7.98 -17.47
CA LYS A 29 14.29 8.59 -17.91
C LYS A 29 13.67 7.55 -18.79
N GLY A 30 12.61 6.94 -18.32
CA GLY A 30 11.93 5.94 -19.06
C GLY A 30 10.46 6.27 -19.06
N ALA A 31 9.64 5.24 -19.17
CA ALA A 31 8.21 5.35 -19.18
C ALA A 31 7.61 5.41 -17.77
N LYS A 32 6.30 5.69 -17.77
CA LYS A 32 5.49 5.81 -16.54
C LYS A 32 4.36 4.81 -16.38
N THR A 33 4.44 3.73 -17.13
CA THR A 33 3.41 2.74 -17.03
C THR A 33 3.71 1.70 -15.95
N GLY A 34 4.97 1.64 -15.52
CA GLY A 34 5.43 0.77 -14.46
C GLY A 34 5.84 1.75 -13.37
N PRO A 35 5.88 1.34 -12.14
CA PRO A 35 6.27 2.26 -11.07
C PRO A 35 7.76 2.67 -11.08
N ASN A 36 8.10 3.78 -10.42
CA ASN A 36 9.49 4.28 -10.30
C ASN A 36 10.34 3.19 -9.63
N LEU A 37 11.51 2.81 -10.19
CA LEU A 37 12.31 1.77 -9.54
C LEU A 37 13.42 2.27 -8.66
N TYR A 38 13.61 3.60 -8.58
CA TYR A 38 14.66 4.15 -7.72
C TYR A 38 14.30 3.61 -6.33
N GLY A 39 15.22 2.96 -5.61
CA GLY A 39 14.95 2.44 -4.23
C GLY A 39 14.03 1.22 -4.02
N VAL A 40 13.77 0.46 -5.06
CA VAL A 40 12.92 -0.70 -4.98
C VAL A 40 13.50 -1.80 -4.08
N VAL A 41 14.83 -1.87 -4.06
CA VAL A 41 15.48 -2.86 -3.22
C VAL A 41 15.32 -2.47 -1.76
N GLY A 42 14.52 -3.18 -1.02
CA GLY A 42 14.36 -2.82 0.37
C GLY A 42 12.99 -2.30 0.61
N ARG A 43 12.32 -2.07 -0.46
CA ARG A 43 10.99 -1.57 -0.40
C ARG A 43 9.93 -2.66 -0.37
N THR A 44 8.90 -2.44 0.43
CA THR A 44 7.81 -3.37 0.51
C THR A 44 7.13 -3.36 -0.84
N ALA A 45 6.88 -4.54 -1.36
CA ALA A 45 6.24 -4.68 -2.65
C ALA A 45 4.83 -4.09 -2.80
N GLY A 46 4.57 -3.57 -3.98
CA GLY A 46 3.28 -2.99 -4.30
C GLY A 46 2.89 -1.85 -3.38
N THR A 47 3.83 -0.95 -3.12
CA THR A 47 3.54 0.18 -2.26
C THR A 47 3.99 1.54 -2.78
N TYR A 48 4.58 1.65 -3.96
CA TYR A 48 4.98 2.96 -4.42
C TYR A 48 3.73 3.79 -4.65
N PRO A 49 3.74 5.03 -4.16
CA PRO A 49 2.65 5.97 -4.24
C PRO A 49 2.21 6.33 -5.58
N GLU A 50 0.92 6.58 -5.59
CA GLU A 50 0.22 6.98 -6.76
C GLU A 50 0.43 6.06 -7.93
N PHE A 51 0.48 4.78 -7.63
CA PHE A 51 0.66 3.79 -8.63
C PHE A 51 -0.45 2.73 -8.52
N LYS A 52 -1.25 2.44 -9.56
CA LYS A 52 -2.30 1.44 -9.40
C LYS A 52 -1.77 0.07 -9.76
N TYR A 53 -1.37 -0.73 -8.77
CA TYR A 53 -0.85 -2.08 -8.99
C TYR A 53 -2.00 -3.09 -9.09
N LYS A 54 -1.69 -4.32 -9.59
CA LYS A 54 -2.65 -5.41 -9.69
C LYS A 54 -2.71 -5.92 -8.28
N ASP A 55 -3.70 -6.60 -7.91
CA ASP A 55 -3.84 -7.06 -6.56
C ASP A 55 -2.78 -7.91 -5.88
N SER A 56 -2.41 -8.95 -6.58
CA SER A 56 -1.47 -9.90 -6.07
C SER A 56 -0.20 -9.28 -5.53
N ILE A 57 0.43 -8.43 -6.30
CA ILE A 57 1.63 -7.84 -5.80
C ILE A 57 1.37 -6.99 -4.57
N VAL A 58 0.20 -6.36 -4.49
CA VAL A 58 -0.13 -5.54 -3.32
C VAL A 58 -0.26 -6.47 -2.05
N ALA A 59 -0.82 -7.71 -2.26
CA ALA A 59 -1.04 -8.79 -1.23
C ALA A 59 0.29 -9.34 -0.71
N LEU A 60 1.24 -9.43 -1.63
CA LEU A 60 2.55 -9.88 -1.32
C LEU A 60 3.18 -8.89 -0.35
N GLY A 61 3.07 -7.59 -0.63
CA GLY A 61 3.63 -6.60 0.27
C GLY A 61 2.85 -6.56 1.57
N ALA A 62 1.54 -6.73 1.48
CA ALA A 62 0.74 -6.70 2.68
C ALA A 62 1.16 -7.84 3.58
N SER A 63 1.80 -8.84 3.03
CA SER A 63 2.22 -9.95 3.86
C SER A 63 3.54 -9.63 4.56
N GLY A 64 4.09 -8.46 4.27
CA GLY A 64 5.34 -8.09 4.88
C GLY A 64 6.55 -8.14 3.94
N PHE A 65 6.38 -8.51 2.67
CA PHE A 65 7.48 -8.62 1.69
C PHE A 65 8.10 -7.31 1.14
N ALA A 66 9.44 -7.28 1.15
CA ALA A 66 10.28 -6.20 0.68
C ALA A 66 11.19 -6.86 -0.28
N TRP A 67 11.48 -6.18 -1.31
CA TRP A 67 12.33 -6.75 -2.29
C TRP A 67 13.80 -6.80 -1.99
N THR A 68 14.44 -7.83 -2.54
CA THR A 68 15.87 -8.05 -2.41
C THR A 68 16.43 -8.22 -3.76
N GLU A 69 17.73 -8.16 -3.85
CA GLU A 69 18.22 -8.33 -5.17
C GLU A 69 17.91 -9.68 -5.67
N GLU A 70 17.96 -10.61 -4.78
CA GLU A 70 17.71 -11.96 -5.16
C GLU A 70 16.31 -12.21 -5.69
N ASP A 71 15.33 -11.71 -4.99
CA ASP A 71 13.98 -11.92 -5.47
C ASP A 71 13.76 -11.09 -6.71
N ILE A 72 14.31 -9.90 -6.71
CA ILE A 72 14.11 -9.11 -7.88
C ILE A 72 14.56 -9.90 -9.10
N ALA A 73 15.81 -10.45 -9.02
CA ALA A 73 16.45 -11.26 -10.06
C ALA A 73 15.52 -12.38 -10.50
N THR A 74 14.84 -13.03 -9.54
CA THR A 74 13.90 -14.13 -9.86
C THR A 74 12.59 -13.65 -10.45
N TYR A 75 11.94 -12.74 -9.78
CA TYR A 75 10.68 -12.22 -10.27
C TYR A 75 10.74 -11.81 -11.72
N VAL A 76 11.79 -11.07 -12.02
CA VAL A 76 12.02 -10.55 -13.34
C VAL A 76 11.96 -11.57 -14.49
N LYS A 77 12.44 -12.78 -14.23
CA LYS A 77 12.45 -13.87 -15.20
C LYS A 77 11.02 -14.37 -15.53
N ASP A 78 10.12 -14.36 -14.53
CA ASP A 78 8.71 -14.78 -14.64
C ASP A 78 7.93 -14.23 -13.47
N PRO A 79 7.46 -13.05 -13.66
CA PRO A 79 6.73 -12.38 -12.62
C PRO A 79 5.54 -13.10 -12.06
N GLY A 80 4.74 -13.62 -12.93
CA GLY A 80 3.56 -14.30 -12.51
C GLY A 80 3.84 -15.58 -11.74
N ALA A 81 4.88 -16.24 -12.10
CA ALA A 81 5.13 -17.43 -11.39
C ALA A 81 5.68 -17.07 -10.07
N PHE A 82 6.40 -15.99 -10.11
CA PHE A 82 6.96 -15.56 -8.90
C PHE A 82 5.87 -15.42 -7.88
N LEU A 83 4.88 -14.67 -8.26
CA LEU A 83 3.76 -14.41 -7.41
C LEU A 83 2.97 -15.61 -6.94
N LYS A 84 2.66 -16.50 -7.85
CA LYS A 84 1.88 -17.69 -7.52
C LYS A 84 2.50 -18.50 -6.41
N GLU A 85 3.81 -18.58 -6.50
CA GLU A 85 4.61 -19.28 -5.55
C GLU A 85 4.64 -18.48 -4.30
N LYS A 86 5.02 -17.20 -4.36
CA LYS A 86 5.03 -16.54 -3.07
C LYS A 86 3.74 -16.53 -2.36
N LEU A 87 2.69 -16.32 -3.09
CA LEU A 87 1.43 -16.25 -2.47
C LEU A 87 0.76 -17.56 -2.32
N ASP A 88 1.32 -18.62 -2.87
CA ASP A 88 0.65 -19.89 -2.78
C ASP A 88 -0.79 -19.74 -3.32
N ASP A 89 -0.90 -19.05 -4.47
CA ASP A 89 -2.18 -18.80 -5.13
C ASP A 89 -2.06 -19.08 -6.63
N LYS A 90 -2.67 -20.13 -7.13
CA LYS A 90 -2.55 -20.44 -8.56
C LYS A 90 -3.19 -19.38 -9.42
N LYS A 91 -4.01 -18.68 -8.74
CA LYS A 91 -4.76 -17.65 -9.31
C LYS A 91 -4.07 -16.24 -9.27
N ALA A 92 -2.82 -16.10 -8.69
CA ALA A 92 -2.09 -14.79 -8.62
C ALA A 92 -1.78 -14.24 -10.03
N LYS A 93 -2.22 -13.01 -10.36
CA LYS A 93 -1.99 -12.39 -11.69
C LYS A 93 -0.93 -11.24 -11.67
N THR A 94 -0.13 -11.10 -12.72
CA THR A 94 0.85 -10.04 -12.74
C THR A 94 0.43 -8.98 -13.69
N GLY A 95 0.79 -7.79 -13.31
CA GLY A 95 0.49 -6.69 -14.13
C GLY A 95 1.69 -6.40 -15.02
N MET A 96 2.83 -7.02 -14.69
CA MET A 96 4.05 -6.82 -15.46
C MET A 96 4.08 -7.78 -16.63
N ALA A 97 3.87 -7.27 -17.82
CA ALA A 97 3.83 -8.10 -19.00
C ALA A 97 5.14 -8.31 -19.74
N PHE A 98 6.15 -8.82 -19.02
CA PHE A 98 7.43 -9.08 -19.62
C PHE A 98 8.19 -10.08 -18.79
N LYS A 99 8.91 -10.93 -19.46
CA LYS A 99 9.68 -11.90 -18.77
C LYS A 99 11.06 -11.69 -19.31
N LEU A 100 12.02 -11.50 -18.48
CA LEU A 100 13.34 -11.28 -19.01
C LEU A 100 14.01 -12.61 -19.13
N ALA A 101 14.72 -12.88 -20.19
CA ALA A 101 15.33 -14.18 -20.27
C ALA A 101 16.59 -14.43 -19.46
N LYS A 102 17.51 -13.51 -19.52
CA LYS A 102 18.79 -13.60 -18.86
C LYS A 102 19.16 -12.21 -18.43
N GLY A 103 19.70 -12.05 -17.23
CA GLY A 103 20.09 -10.70 -16.82
C GLY A 103 19.66 -10.20 -15.45
N GLY A 104 18.74 -10.93 -14.85
CA GLY A 104 18.16 -10.64 -13.54
C GLY A 104 19.06 -10.14 -12.41
N GLU A 105 20.09 -10.85 -12.16
CA GLU A 105 21.01 -10.53 -11.12
C GLU A 105 21.82 -9.29 -11.31
N ASP A 106 22.09 -9.07 -12.57
CA ASP A 106 22.85 -7.95 -13.01
C ASP A 106 22.00 -6.72 -12.91
N VAL A 107 20.78 -6.85 -13.43
CA VAL A 107 19.86 -5.75 -13.39
C VAL A 107 19.54 -5.48 -11.91
N ALA A 108 19.45 -6.58 -11.12
CA ALA A 108 19.17 -6.53 -9.69
C ALA A 108 20.26 -5.74 -8.99
N ALA A 109 21.50 -6.07 -9.30
CA ALA A 109 22.63 -5.37 -8.71
C ALA A 109 22.65 -3.90 -9.11
N TYR A 110 22.36 -3.63 -10.34
CA TYR A 110 22.35 -2.27 -10.81
C TYR A 110 21.38 -1.44 -9.98
N LEU A 111 20.21 -1.98 -9.90
CA LEU A 111 19.21 -1.32 -9.15
C LEU A 111 19.68 -1.02 -7.71
N ALA A 112 20.45 -1.93 -7.11
CA ALA A 112 20.90 -1.70 -5.74
C ALA A 112 21.85 -0.55 -5.65
N SER A 113 22.64 -0.50 -6.69
CA SER A 113 23.71 0.45 -6.91
C SER A 113 23.35 1.91 -7.06
N VAL A 114 22.27 2.11 -7.73
CA VAL A 114 21.68 3.35 -8.08
C VAL A 114 21.40 4.38 -7.00
N VAL A 115 21.23 3.91 -5.80
CA VAL A 115 20.95 4.79 -4.70
C VAL A 115 22.24 5.22 -3.88
N LYS A 116 23.50 4.86 -4.43
CA LYS A 116 24.90 5.16 -3.88
C LYS A 116 25.63 6.29 -4.65
N GLY B 1 -16.17 17.35 16.10
CA GLY B 1 -17.02 17.33 17.26
C GLY B 1 -16.31 16.99 18.57
N ASP B 2 -17.03 16.25 19.39
CA ASP B 2 -16.56 15.85 20.72
C ASP B 2 -15.76 14.58 20.89
N ALA B 3 -14.47 14.73 21.23
CA ALA B 3 -13.53 13.60 21.46
C ALA B 3 -13.89 12.73 22.63
N ALA B 4 -14.43 13.45 23.60
CA ALA B 4 -14.90 12.98 24.85
C ALA B 4 -15.91 11.95 24.58
N LYS B 5 -16.82 12.35 23.74
CA LYS B 5 -17.87 11.47 23.34
C LYS B 5 -17.32 10.38 22.47
N GLY B 6 -16.53 10.87 21.50
CA GLY B 6 -15.89 10.04 20.53
C GLY B 6 -15.24 8.91 21.27
N GLU B 7 -14.54 9.28 22.34
CA GLU B 7 -13.86 8.29 23.17
C GLU B 7 -14.77 7.16 23.59
N LYS B 8 -16.02 7.47 24.00
CA LYS B 8 -16.87 6.36 24.38
C LYS B 8 -17.33 5.70 23.13
N GLU B 9 -17.51 6.45 22.06
CA GLU B 9 -17.95 5.79 20.85
C GLU B 9 -16.95 4.73 20.34
N PHE B 10 -15.68 5.00 20.60
CA PHE B 10 -14.64 4.10 20.17
C PHE B 10 -14.80 2.66 20.59
N ASN B 11 -15.50 2.50 21.64
CA ASN B 11 -15.76 1.24 22.21
C ASN B 11 -16.42 0.23 21.23
N LYS B 12 -17.12 0.71 20.19
CA LYS B 12 -17.71 -0.23 19.27
C LYS B 12 -16.71 -0.59 18.19
N CYS B 13 -15.79 0.33 17.92
CA CYS B 13 -14.72 0.10 16.97
C CYS B 13 -13.70 -0.91 17.53
N LYS B 14 -13.53 -0.81 18.83
CA LYS B 14 -12.58 -1.62 19.55
C LYS B 14 -12.72 -3.13 19.35
N THR B 15 -13.89 -3.51 18.91
CA THR B 15 -14.21 -4.87 18.64
C THR B 15 -13.29 -5.35 17.51
N CYS B 16 -12.80 -4.41 16.67
CA CYS B 16 -11.94 -4.80 15.56
C CYS B 16 -10.64 -4.07 15.41
N HIS B 17 -10.59 -2.89 15.95
CA HIS B 17 -9.42 -2.07 15.83
C HIS B 17 -8.74 -1.73 17.15
N SER B 18 -7.48 -1.33 17.04
CA SER B 18 -6.71 -0.89 18.19
C SER B 18 -6.18 0.49 17.89
N ILE B 19 -5.51 1.04 18.88
CA ILE B 19 -4.89 2.35 18.80
C ILE B 19 -3.59 2.22 19.55
N ILE B 20 -2.55 1.86 18.82
CA ILE B 20 -1.23 1.64 19.37
C ILE B 20 -0.13 2.60 18.84
N ALA B 21 0.49 3.46 19.69
CA ALA B 21 1.56 4.42 19.22
C ALA B 21 2.76 3.76 18.49
N PRO B 22 3.60 4.54 17.79
CA PRO B 22 4.70 3.88 17.12
C PRO B 22 5.65 3.11 17.96
N ASP B 23 5.87 3.62 19.14
CA ASP B 23 6.76 2.96 20.03
C ASP B 23 6.14 1.76 20.65
N GLY B 24 4.86 1.56 20.39
CA GLY B 24 4.24 0.39 20.97
C GLY B 24 3.30 0.65 22.14
N THR B 25 3.17 1.86 22.59
CA THR B 25 2.28 2.10 23.68
C THR B 25 0.82 1.93 23.22
N GLU B 26 0.08 1.09 23.92
CA GLU B 26 -1.30 0.75 23.68
C GLU B 26 -2.24 1.77 24.22
N ILE B 27 -2.71 2.65 23.38
CA ILE B 27 -3.61 3.65 23.88
C ILE B 27 -4.99 3.02 24.03
N VAL B 28 -5.27 2.08 23.16
CA VAL B 28 -6.52 1.39 23.22
C VAL B 28 -6.26 -0.04 22.82
N LYS B 29 -6.36 -0.99 23.70
CA LYS B 29 -6.09 -2.36 23.27
C LYS B 29 -7.34 -2.89 22.56
N GLY B 30 -7.28 -3.32 21.33
CA GLY B 30 -8.53 -3.80 20.77
C GLY B 30 -8.24 -5.00 19.96
N ALA B 31 -8.94 -5.20 18.86
CA ALA B 31 -8.63 -6.34 18.05
C ALA B 31 -7.58 -5.95 17.01
N LYS B 32 -7.37 -6.88 16.13
CA LYS B 32 -6.44 -6.73 15.08
C LYS B 32 -7.09 -7.10 13.79
N THR B 33 -8.37 -7.22 13.83
CA THR B 33 -9.15 -7.58 12.68
C THR B 33 -9.19 -6.45 11.62
N GLY B 34 -9.14 -5.22 12.17
CA GLY B 34 -9.14 -3.92 11.49
C GLY B 34 -7.74 -3.32 11.68
N PRO B 35 -7.35 -2.34 10.87
CA PRO B 35 -6.00 -1.84 11.09
C PRO B 35 -5.86 -0.93 12.29
N ASN B 36 -4.62 -0.71 12.72
CA ASN B 36 -4.35 0.17 13.83
C ASN B 36 -4.86 1.52 13.39
N LEU B 37 -5.59 2.20 14.26
CA LEU B 37 -6.12 3.50 13.90
C LEU B 37 -5.35 4.67 14.45
N TYR B 38 -4.27 4.41 15.13
CA TYR B 38 -3.49 5.50 15.64
C TYR B 38 -2.96 6.27 14.45
N GLY B 39 -3.13 7.60 14.41
CA GLY B 39 -2.62 8.39 13.28
C GLY B 39 -3.38 8.17 11.96
N VAL B 40 -4.56 7.60 12.02
CA VAL B 40 -5.28 7.40 10.80
C VAL B 40 -5.62 8.74 10.13
N VAL B 41 -5.86 9.77 10.94
CA VAL B 41 -6.18 11.08 10.37
C VAL B 41 -5.03 11.62 9.57
N GLY B 42 -5.24 11.73 8.26
CA GLY B 42 -4.22 12.23 7.39
C GLY B 42 -3.30 11.16 6.82
N ARG B 43 -3.71 9.90 6.91
CA ARG B 43 -2.92 8.82 6.40
C ARG B 43 -3.54 8.42 5.07
N THR B 44 -2.75 8.05 4.08
CA THR B 44 -3.32 7.66 2.80
C THR B 44 -4.11 6.44 3.04
N ALA B 45 -5.30 6.39 2.52
CA ALA B 45 -6.12 5.23 2.74
C ALA B 45 -5.57 3.87 2.25
N GLY B 46 -5.88 2.74 2.95
CA GLY B 46 -5.40 1.37 2.56
C GLY B 46 -3.88 1.18 2.46
N THR B 47 -3.15 1.83 3.37
CA THR B 47 -1.71 1.75 3.39
C THR B 47 -1.02 1.33 4.67
N TYR B 48 -1.73 1.12 5.78
CA TYR B 48 -1.05 0.70 6.99
C TYR B 48 -0.28 -0.56 6.68
N PRO B 49 0.88 -0.68 7.24
CA PRO B 49 1.70 -1.83 6.98
C PRO B 49 1.26 -3.13 7.59
N GLU B 50 1.55 -4.17 6.85
CA GLU B 50 1.25 -5.53 7.24
C GLU B 50 -0.23 -5.87 7.49
N PHE B 51 -1.10 -5.08 6.88
CA PHE B 51 -2.53 -5.27 7.01
C PHE B 51 -3.11 -5.64 5.63
N LYS B 52 -3.85 -6.73 5.43
CA LYS B 52 -4.35 -6.95 4.07
C LYS B 52 -5.71 -6.25 3.87
N TYR B 53 -5.81 -5.21 3.05
CA TYR B 53 -7.11 -4.54 2.85
C TYR B 53 -7.82 -5.09 1.62
N LYS B 54 -9.11 -4.74 1.44
CA LYS B 54 -9.84 -5.17 0.26
C LYS B 54 -9.35 -4.23 -0.83
N ASP B 55 -9.53 -4.61 -2.09
CA ASP B 55 -9.11 -3.85 -3.27
C ASP B 55 -9.50 -2.41 -3.42
N SER B 56 -10.72 -2.07 -3.04
CA SER B 56 -11.19 -0.69 -3.20
C SER B 56 -10.49 0.40 -2.40
N ILE B 57 -10.33 0.15 -1.11
CA ILE B 57 -9.68 1.11 -0.25
C ILE B 57 -8.26 1.28 -0.74
N VAL B 58 -7.72 0.17 -1.26
CA VAL B 58 -6.39 0.17 -1.77
C VAL B 58 -6.26 1.17 -2.94
N ALA B 59 -7.24 1.11 -3.84
CA ALA B 59 -7.28 1.98 -5.00
C ALA B 59 -7.55 3.42 -4.63
N LEU B 60 -8.36 3.62 -3.62
CA LEU B 60 -8.66 4.95 -3.18
C LEU B 60 -7.34 5.58 -2.68
N GLY B 61 -6.53 4.80 -1.96
CA GLY B 61 -5.27 5.34 -1.48
C GLY B 61 -4.28 5.55 -2.63
N ALA B 62 -4.35 4.68 -3.65
CA ALA B 62 -3.46 4.76 -4.83
C ALA B 62 -3.56 6.09 -5.56
N SER B 63 -4.76 6.62 -5.48
CA SER B 63 -5.14 7.84 -6.08
C SER B 63 -4.71 9.07 -5.28
N GLY B 64 -4.07 8.81 -4.12
CA GLY B 64 -3.57 9.84 -3.21
C GLY B 64 -4.54 10.31 -2.11
N PHE B 65 -5.63 9.62 -1.92
CA PHE B 65 -6.60 10.01 -0.91
C PHE B 65 -6.11 9.76 0.50
N ALA B 66 -6.18 10.81 1.29
CA ALA B 66 -5.77 10.74 2.67
C ALA B 66 -6.94 11.06 3.60
N TRP B 67 -7.14 10.28 4.67
CA TRP B 67 -8.26 10.57 5.60
C TRP B 67 -8.22 11.92 6.26
N THR B 68 -9.43 12.39 6.52
CA THR B 68 -9.70 13.65 7.20
C THR B 68 -10.80 13.31 8.20
N GLU B 69 -11.01 14.10 9.25
CA GLU B 69 -12.08 13.80 10.22
C GLU B 69 -13.41 13.65 9.55
N GLU B 70 -13.65 14.60 8.67
CA GLU B 70 -14.84 14.72 7.89
C GLU B 70 -15.10 13.47 7.04
N ASP B 71 -14.09 12.98 6.38
CA ASP B 71 -14.26 11.79 5.57
C ASP B 71 -14.46 10.59 6.47
N ILE B 72 -13.73 10.61 7.56
CA ILE B 72 -13.85 9.53 8.47
C ILE B 72 -15.28 9.52 8.96
N ALA B 73 -15.75 10.69 9.40
CA ALA B 73 -17.11 10.82 9.88
C ALA B 73 -18.14 10.29 8.90
N THR B 74 -17.87 10.41 7.63
CA THR B 74 -18.82 9.95 6.67
C THR B 74 -18.73 8.51 6.23
N TYR B 75 -17.54 8.05 6.18
CA TYR B 75 -17.28 6.73 5.77
C TYR B 75 -17.91 5.75 6.75
N VAL B 76 -17.87 6.14 8.04
CA VAL B 76 -18.40 5.29 9.12
C VAL B 76 -19.84 4.96 9.14
N LYS B 77 -20.59 5.87 8.62
CA LYS B 77 -21.99 5.82 8.50
C LYS B 77 -22.29 4.70 7.56
N ASP B 78 -21.41 4.58 6.57
CA ASP B 78 -21.54 3.55 5.54
C ASP B 78 -20.28 3.43 4.75
N PRO B 79 -19.47 2.49 5.15
CA PRO B 79 -18.24 2.28 4.47
C PRO B 79 -18.41 2.07 2.96
N GLY B 80 -19.18 1.05 2.54
CA GLY B 80 -19.41 0.72 1.12
C GLY B 80 -19.89 1.88 0.24
N ALA B 81 -20.82 2.63 0.74
CA ALA B 81 -21.30 3.72 -0.05
C ALA B 81 -20.21 4.76 -0.29
N PHE B 82 -19.48 5.04 0.76
CA PHE B 82 -18.41 5.99 0.70
C PHE B 82 -17.44 5.59 -0.41
N LEU B 83 -17.05 4.36 -0.41
CA LEU B 83 -16.16 3.94 -1.44
C LEU B 83 -16.76 4.11 -2.84
N LYS B 84 -17.99 3.64 -3.01
CA LYS B 84 -18.72 3.69 -4.26
C LYS B 84 -18.66 5.03 -4.92
N GLU B 85 -18.89 5.97 -4.07
CA GLU B 85 -18.88 7.33 -4.40
C GLU B 85 -17.51 7.83 -4.76
N LYS B 86 -16.60 7.71 -3.78
CA LYS B 86 -15.24 8.15 -3.98
C LYS B 86 -14.69 7.57 -5.23
N LEU B 87 -14.85 6.28 -5.36
CA LEU B 87 -14.33 5.66 -6.53
C LEU B 87 -15.12 5.90 -7.81
N ASP B 88 -16.41 6.17 -7.70
CA ASP B 88 -17.13 6.35 -8.89
C ASP B 88 -17.15 4.99 -9.53
N ASP B 89 -17.37 3.99 -8.68
CA ASP B 89 -17.42 2.58 -9.04
C ASP B 89 -18.52 1.99 -8.15
N LYS B 90 -19.55 1.47 -8.81
CA LYS B 90 -20.76 0.87 -8.23
C LYS B 90 -20.48 -0.51 -7.67
N LYS B 91 -19.35 -1.01 -8.08
CA LYS B 91 -18.89 -2.30 -7.70
C LYS B 91 -17.84 -2.24 -6.59
N ALA B 92 -17.72 -1.05 -5.99
CA ALA B 92 -16.77 -0.86 -4.91
C ALA B 92 -17.24 -1.68 -3.70
N LYS B 93 -16.37 -2.48 -3.09
CA LYS B 93 -16.76 -3.30 -1.92
C LYS B 93 -15.82 -3.01 -0.72
N THR B 94 -16.38 -2.94 0.50
CA THR B 94 -15.62 -2.68 1.73
C THR B 94 -15.42 -3.94 2.56
N GLY B 95 -14.33 -3.94 3.31
CA GLY B 95 -14.04 -5.08 4.15
C GLY B 95 -14.49 -4.82 5.57
N MET B 96 -14.97 -3.59 5.83
CA MET B 96 -15.44 -3.17 7.17
C MET B 96 -16.94 -3.36 7.35
N ALA B 97 -17.31 -4.43 8.03
CA ALA B 97 -18.71 -4.70 8.25
C ALA B 97 -19.24 -4.07 9.49
N PHE B 98 -19.44 -2.79 9.42
CA PHE B 98 -19.93 -2.10 10.55
C PHE B 98 -20.33 -0.70 10.16
N LYS B 99 -21.47 -0.22 10.68
CA LYS B 99 -21.95 1.14 10.39
C LYS B 99 -22.21 1.90 11.64
N LEU B 100 -21.91 3.17 11.60
CA LEU B 100 -22.16 3.99 12.74
C LEU B 100 -23.18 5.04 12.40
N ALA B 101 -24.39 4.71 12.77
CA ALA B 101 -25.60 5.46 12.63
C ALA B 101 -25.43 6.94 12.94
N LYS B 102 -24.99 7.16 14.17
CA LYS B 102 -24.75 8.47 14.71
C LYS B 102 -23.50 8.53 15.53
N GLY B 103 -22.92 9.70 15.55
CA GLY B 103 -21.72 9.87 16.30
C GLY B 103 -20.48 9.77 15.45
N GLY B 104 -20.60 9.39 14.19
CA GLY B 104 -19.40 9.32 13.38
C GLY B 104 -18.48 10.54 13.56
N GLU B 105 -19.07 11.73 13.69
CA GLU B 105 -18.28 12.94 13.86
C GLU B 105 -17.45 13.13 15.14
N ASP B 106 -17.94 12.60 16.24
CA ASP B 106 -17.29 12.68 17.53
C ASP B 106 -16.13 11.72 17.62
N VAL B 107 -16.36 10.53 17.10
CA VAL B 107 -15.35 9.52 17.10
C VAL B 107 -14.16 10.02 16.25
N ALA B 108 -14.52 10.68 15.13
CA ALA B 108 -13.58 11.29 14.18
C ALA B 108 -12.73 12.27 14.96
N ALA B 109 -13.39 13.05 15.76
CA ALA B 109 -12.70 14.01 16.57
C ALA B 109 -11.65 13.35 17.46
N TYR B 110 -12.09 12.28 18.13
CA TYR B 110 -11.27 11.51 19.04
C TYR B 110 -10.01 10.96 18.37
N LEU B 111 -10.22 10.33 17.23
CA LEU B 111 -9.17 9.75 16.44
C LEU B 111 -8.17 10.85 16.14
N ALA B 112 -8.69 12.03 15.89
CA ALA B 112 -7.86 13.16 15.61
C ALA B 112 -7.12 13.62 16.86
N SER B 113 -7.80 13.57 18.00
CA SER B 113 -7.22 13.99 19.27
C SER B 113 -6.18 13.03 19.81
N VAL B 114 -6.38 11.74 19.64
CA VAL B 114 -5.42 10.79 20.17
C VAL B 114 -3.94 11.03 19.88
N VAL B 115 -3.55 11.47 18.72
CA VAL B 115 -2.10 11.62 18.48
C VAL B 115 -1.38 12.81 19.09
N LYS B 116 -2.20 13.70 19.53
CA LYS B 116 -1.79 14.93 20.13
C LYS B 116 -1.28 14.80 21.59
FE HEC C . 8.46 -4.08 -14.31
CHA HEC C . 6.59 -3.95 -11.58
CHB HEC C . 11.15 -4.83 -12.40
CHC HEC C . 10.35 -4.22 -17.06
CHD HEC C . 5.86 -3.33 -16.19
NA HEC C . 8.79 -4.33 -12.42
C1A HEC C . 7.87 -4.25 -11.43
C2A HEC C . 8.48 -4.50 -10.14
C3A HEC C . 9.76 -4.76 -10.33
C4A HEC C . 9.97 -4.65 -11.73
CMA HEC C . 10.81 -5.08 -9.29
CAA HEC C . 7.74 -4.50 -8.83
CBA HEC C . 7.70 -3.07 -8.29
CGA HEC C . 7.16 -2.80 -6.87
O1A HEC C . 6.86 -3.80 -6.27
O2A HEC C . 7.06 -1.71 -6.40
NB HEC C . 10.33 -4.45 -14.68
C1B HEC C . 11.29 -4.71 -13.73
C2B HEC C . 12.52 -4.89 -14.40
C3B HEC C . 12.27 -4.71 -15.66
C4B HEC C . 10.92 -4.44 -15.85
CMB HEC C . 13.85 -5.25 -13.70
CAB HEC C . 13.20 -4.84 -16.76
CBB HEC C . 14.01 -6.05 -17.02
NC HEC C . 8.20 -3.84 -16.22
C1C HEC C . 9.08 -3.94 -17.28
C2C HEC C . 8.49 -3.70 -18.56
C3C HEC C . 7.22 -3.44 -18.30
C4C HEC C . 7.03 -3.55 -16.84
CMC HEC C . 9.22 -3.72 -19.90
CAC HEC C . 6.13 -3.11 -19.26
CBC HEC C . 5.64 -3.98 -20.38
ND HEC C . 6.57 -3.72 -13.92
C1D HEC C . 5.61 -3.38 -14.85
C2D HEC C . 4.34 -3.17 -14.14
C3D HEC C . 4.59 -3.33 -12.85
C4D HEC C . 5.96 -3.68 -12.74
CMD HEC C . 3.02 -2.82 -14.77
CAD HEC C . 3.59 -3.27 -11.75
CBD HEC C . 3.26 -4.76 -11.42
CGD HEC C . 1.86 -5.15 -11.07
O1D HEC C . 1.42 -6.27 -11.13
O2D HEC C . 1.15 -4.21 -10.66
FE HEC D . -13.09 -0.10 10.81
CHA HEC D . -11.06 0.02 8.11
CHB HEC D . -12.86 3.24 11.07
CHC HEC D . -15.10 -0.15 13.43
CHD HEC D . -13.36 -3.41 10.49
NA HEC D . -12.15 1.31 9.77
C1A HEC D . -11.31 1.20 8.70
C2A HEC D . -10.77 2.50 8.29
C3A HEC D . -11.26 3.42 9.11
C4A HEC D . -12.12 2.67 10.03
CMA HEC D . -11.06 4.93 9.09
CAA HEC D . -9.81 2.72 7.13
CBA HEC D . -8.37 2.41 7.62
CGA HEC D . -7.17 2.76 6.73
O1A HEC D . -7.50 3.26 5.69
O2A HEC D . -6.01 2.57 7.01
NB HEC D . -13.87 1.27 11.97
C1B HEC D . -13.63 2.61 11.99
C2B HEC D . -14.34 3.29 13.05
C3B HEC D . -14.97 2.31 13.69
C4B HEC D . -14.64 1.07 13.03
CMB HEC D . -14.27 4.81 13.30
CAB HEC D . -15.88 2.40 14.88
CBB HEC D . -17.19 3.11 15.02
NC HEC D . -14.04 -1.51 11.72
C1C HEC D . -14.87 -1.34 12.83
C2C HEC D . -15.41 -2.61 13.32
C3C HEC D . -14.93 -3.55 12.54
C4C HEC D . -14.10 -2.87 11.53
CMC HEC D . -16.33 -2.78 14.51
CAC HEC D . -15.19 -5.04 12.66
CBC HEC D . -16.34 -5.83 12.13
ND HEC D . -12.35 -1.39 9.52
C1D HEC D . -12.56 -2.74 9.58
C2D HEC D . -11.81 -3.41 8.51
C3D HEC D . -11.13 -2.45 7.85
C4D HEC D . -11.52 -1.21 8.47
CMD HEC D . -11.82 -4.88 8.26
CAD HEC D . -10.31 -2.63 6.59
CBD HEC D . -11.35 -2.38 5.44
CGD HEC D . -11.08 -2.67 4.00
O1D HEC D . -10.18 -3.35 3.55
O2D HEC D . -11.93 -2.14 3.24
#